data_3OHL
#
_entry.id   3OHL
#
_cell.length_a   56.964
_cell.length_b   120.512
_cell.length_c   46.627
_cell.angle_alpha   90.00
_cell.angle_beta   90.00
_cell.angle_gamma   90.00
#
_symmetry.space_group_name_H-M   'C 2 2 21'
#
loop_
_entity.id
_entity.type
_entity.pdbx_description
1 polymer Stromelysin-1
2 non-polymer 'CALCIUM ION'
3 non-polymer 'ZINC ION'
4 non-polymer N-hydroxy-N~2~-[(4-methoxyphenyl)sulfonyl]-N~2~-(pyridin-4-ylmethyl)glycinamide
5 non-polymer 'SULFATE ION'
6 water water
#
_entity_poly.entity_id   1
_entity_poly.type   'polypeptide(L)'
_entity_poly.pdbx_seq_one_letter_code
;FRTFPGIPKWRKTHLTYRIVNYTPDLPKDAVDSAVEKALKVWEEVTPLTFSRLYEGEADIMISFAVREHGDFYPFDGPGN
VLAHAYAPGPGINGDAHFDDDEQWTKDTTGTNLFLVAAHEIGHSLGLFHSANTEALMYPLYHSLTDLTRFRLSQDDINGI
QSLYGPP
;
_entity_poly.pdbx_strand_id   A
#
loop_
_chem_comp.id
_chem_comp.type
_chem_comp.name
_chem_comp.formula
CA non-polymer 'CALCIUM ION' 'Ca 2'
OHL non-polymer N-hydroxy-N~2~-[(4-methoxyphenyl)sulfonyl]-N~2~-(pyridin-4-ylmethyl)glycinamide 'C15 H17 N3 O5 S'
SO4 non-polymer 'SULFATE ION' 'O4 S -2'
ZN non-polymer 'ZINC ION' 'Zn 2'
#
# COMPACT_ATOMS: atom_id res chain seq x y z
N PHE A 1 15.68 -7.34 3.22
CA PHE A 1 14.69 -6.22 3.20
C PHE A 1 15.39 -4.88 3.41
N ARG A 2 14.63 -3.80 3.20
CA ARG A 2 15.13 -2.44 3.44
C ARG A 2 14.01 -1.56 4.00
N THR A 3 14.40 -0.61 4.87
CA THR A 3 13.48 0.39 5.41
C THR A 3 13.84 1.77 4.84
N PHE A 4 13.07 2.79 5.22
CA PHE A 4 13.26 4.16 4.70
C PHE A 4 14.34 4.94 5.47
N PRO A 5 14.79 6.08 4.91
CA PRO A 5 15.76 6.96 5.58
C PRO A 5 15.32 7.42 6.97
N GLY A 6 16.20 7.29 7.94
CA GLY A 6 15.91 7.66 9.33
C GLY A 6 14.99 6.68 10.04
N ILE A 7 14.94 5.44 9.54
CA ILE A 7 14.08 4.36 10.08
C ILE A 7 12.72 4.86 10.59
N PRO A 8 11.89 5.42 9.68
CA PRO A 8 10.60 5.93 10.11
C PRO A 8 9.58 4.79 10.27
N LYS A 9 8.81 4.86 11.36
CA LYS A 9 7.75 3.91 11.64
C LYS A 9 6.59 4.65 12.29
N TRP A 10 5.39 4.08 12.19
CA TRP A 10 4.23 4.63 12.90
C TRP A 10 4.47 4.50 14.40
N ARG A 11 4.32 5.61 15.12
CA ARG A 11 4.55 5.64 16.56
C ARG A 11 3.37 5.05 17.36
N LYS A 12 2.24 4.88 16.68
CA LYS A 12 1.05 4.26 17.28
C LYS A 12 0.75 2.92 16.61
N THR A 13 -0.19 2.17 17.17
CA THR A 13 -0.58 0.85 16.64
C THR A 13 -1.95 0.86 15.96
N HIS A 14 -2.88 1.68 16.46
CA HIS A 14 -4.17 1.90 15.80
C HIS A 14 -4.02 2.94 14.68
N LEU A 15 -4.12 2.50 13.43
CA LEU A 15 -4.00 3.36 12.26
C LEU A 15 -5.34 3.45 11.52
N THR A 16 -5.64 4.63 11.00
CA THR A 16 -6.85 4.85 10.19
C THR A 16 -6.52 4.99 8.71
N TYR A 17 -7.40 4.48 7.87
CA TYR A 17 -7.28 4.67 6.42
C TYR A 17 -8.61 5.15 5.83
N ARG A 18 -8.51 5.91 4.74
CA ARG A 18 -9.67 6.37 3.99
C ARG A 18 -9.42 6.11 2.50
N ILE A 19 -10.43 5.51 1.86
CA ILE A 19 -10.43 5.33 0.41
C ILE A 19 -11.09 6.58 -0.16
N VAL A 20 -10.26 7.46 -0.71
CA VAL A 20 -10.68 8.81 -1.12
C VAL A 20 -11.58 8.80 -2.36
N ASN A 21 -11.21 7.98 -3.34
CA ASN A 21 -11.98 7.83 -4.57
C ASN A 21 -11.77 6.44 -5.16
N TYR A 22 -12.36 6.19 -6.34
CA TYR A 22 -12.37 4.84 -6.90
C TYR A 22 -12.01 4.78 -8.38
N THR A 23 -11.36 3.67 -8.76
CA THR A 23 -11.05 3.40 -10.15
C THR A 23 -12.32 3.07 -10.91
N PRO A 24 -12.40 3.44 -12.20
CA PRO A 24 -13.51 2.95 -13.03
C PRO A 24 -13.41 1.45 -13.39
N ASP A 25 -12.24 0.86 -13.19
CA ASP A 25 -11.95 -0.50 -13.69
C ASP A 25 -12.70 -1.63 -12.97
N LEU A 26 -13.15 -1.37 -11.73
CA LEU A 26 -13.80 -2.39 -10.91
C LEU A 26 -15.04 -1.83 -10.20
N PRO A 27 -15.90 -2.72 -9.69
CA PRO A 27 -16.92 -2.28 -8.74
C PRO A 27 -16.27 -1.81 -7.43
N LYS A 28 -16.93 -0.91 -6.71
CA LYS A 28 -16.41 -0.35 -5.47
C LYS A 28 -16.10 -1.39 -4.40
N ASP A 29 -16.91 -2.45 -4.33
CA ASP A 29 -16.73 -3.51 -3.34
C ASP A 29 -15.47 -4.33 -3.59
N ALA A 30 -15.10 -4.50 -4.85
CA ALA A 30 -13.87 -5.20 -5.24
C ALA A 30 -12.62 -4.42 -4.81
N VAL A 31 -12.70 -3.09 -4.92
CA VAL A 31 -11.61 -2.21 -4.49
C VAL A 31 -11.52 -2.22 -2.96
N ASP A 32 -12.65 -2.09 -2.29
CA ASP A 32 -12.73 -2.24 -0.83
C ASP A 32 -12.12 -3.56 -0.36
N SER A 33 -12.49 -4.65 -1.03
CA SER A 33 -12.03 -5.99 -0.66
C SER A 33 -10.52 -6.14 -0.82
N ALA A 34 -9.99 -5.68 -1.94
CA ALA A 34 -8.55 -5.75 -2.21
C ALA A 34 -7.75 -4.93 -1.19
N VAL A 35 -8.30 -3.77 -0.81
CA VAL A 35 -7.67 -2.89 0.17
C VAL A 35 -7.66 -3.53 1.58
N GLU A 36 -8.82 -4.02 2.00
CA GLU A 36 -8.96 -4.71 3.30
C GLU A 36 -8.04 -5.93 3.37
N LYS A 37 -8.07 -6.74 2.31
CA LYS A 37 -7.21 -7.92 2.20
C LYS A 37 -5.72 -7.55 2.15
N ALA A 38 -5.41 -6.39 1.55
CA ALA A 38 -4.05 -5.85 1.54
C ALA A 38 -3.60 -5.44 2.95
N LEU A 39 -4.51 -4.82 3.70
CA LEU A 39 -4.24 -4.42 5.09
C LEU A 39 -4.05 -5.64 6.01
N LYS A 40 -4.83 -6.70 5.78
CA LYS A 40 -4.80 -7.91 6.62
C LYS A 40 -3.47 -8.66 6.49
N VAL A 41 -2.90 -8.68 5.29
CA VAL A 41 -1.56 -9.24 5.07
C VAL A 41 -0.57 -8.73 6.13
N TRP A 42 -0.65 -7.44 6.46
CA TRP A 42 0.23 -6.80 7.44
C TRP A 42 -0.33 -6.83 8.86
N GLU A 43 -1.64 -6.65 8.99
CA GLU A 43 -2.34 -6.67 10.29
C GLU A 43 -2.21 -8.02 11.03
N GLU A 44 -2.23 -9.11 10.28
CA GLU A 44 -2.19 -10.46 10.86
C GLU A 44 -0.86 -10.78 11.54
N VAL A 45 0.25 -10.26 11.01
CA VAL A 45 1.59 -10.54 11.55
C VAL A 45 2.25 -9.32 12.20
N THR A 46 1.42 -8.45 12.80
CA THR A 46 1.89 -7.32 13.61
C THR A 46 0.84 -6.99 14.67
N PRO A 47 1.18 -6.14 15.65
CA PRO A 47 0.17 -5.64 16.58
C PRO A 47 -0.69 -4.50 16.02
N LEU A 48 -0.51 -4.17 14.74
CA LEU A 48 -1.21 -3.05 14.11
C LEU A 48 -2.68 -3.39 13.87
N THR A 49 -3.56 -2.41 14.09
CA THR A 49 -5.00 -2.54 13.79
C THR A 49 -5.45 -1.40 12.88
N PHE A 50 -6.15 -1.74 11.80
CA PHE A 50 -6.60 -0.75 10.83
C PHE A 50 -8.10 -0.50 10.93
N SER A 51 -8.48 0.77 11.00
CA SER A 51 -9.88 1.18 10.98
C SER A 51 -10.13 2.11 9.78
N ARG A 52 -11.35 2.06 9.25
CA ARG A 52 -11.71 2.82 8.06
C ARG A 52 -12.42 4.12 8.41
N LEU A 53 -12.11 5.17 7.65
CA LEU A 53 -12.80 6.47 7.76
C LEU A 53 -13.43 6.86 6.43
N TYR A 54 -14.53 7.59 6.50
CA TYR A 54 -15.26 8.07 5.30
C TYR A 54 -15.24 9.60 5.19
N GLU A 55 -14.85 10.29 6.26
CA GLU A 55 -14.65 11.75 6.25
C GLU A 55 -13.24 12.05 6.73
N GLY A 56 -12.79 13.27 6.49
CA GLY A 56 -11.57 13.81 7.09
C GLY A 56 -10.28 13.10 6.76
N GLU A 57 -9.21 13.51 7.45
CA GLU A 57 -7.86 13.00 7.22
C GLU A 57 -7.60 11.72 7.99
N ALA A 58 -7.46 10.62 7.26
CA ALA A 58 -6.99 9.35 7.83
C ALA A 58 -5.48 9.30 7.64
N ASP A 59 -4.81 8.46 8.43
CA ASP A 59 -3.35 8.32 8.36
C ASP A 59 -2.94 7.89 6.95
N ILE A 60 -3.57 6.82 6.47
CA ILE A 60 -3.31 6.26 5.14
C ILE A 60 -4.43 6.65 4.19
N MET A 61 -4.24 7.72 3.44
CA MET A 61 -5.20 8.12 2.41
C MET A 61 -4.92 7.34 1.13
N ILE A 62 -5.93 6.60 0.67
CA ILE A 62 -5.82 5.77 -0.52
C ILE A 62 -6.61 6.41 -1.68
N SER A 63 -5.92 6.65 -2.80
CA SER A 63 -6.57 7.25 -3.97
C SER A 63 -6.09 6.69 -5.30
N PHE A 64 -6.88 6.93 -6.34
CA PHE A 64 -6.52 6.62 -7.71
C PHE A 64 -6.29 7.92 -8.46
N ALA A 65 -5.20 7.98 -9.21
CA ALA A 65 -4.83 9.19 -9.93
C ALA A 65 -4.12 8.89 -11.25
N VAL A 66 -4.01 9.93 -12.07
CA VAL A 66 -3.27 9.86 -13.33
C VAL A 66 -2.35 11.06 -13.42
N ARG A 67 -1.17 10.88 -14.03
CA ARG A 67 -0.26 11.98 -14.34
C ARG A 67 0.07 12.79 -13.08
N GLU A 68 -0.02 14.13 -13.17
CA GLU A 68 0.19 15.02 -12.03
C GLU A 68 -1.05 15.00 -11.14
N HIS A 69 -0.84 14.81 -9.83
CA HIS A 69 -1.96 14.67 -8.90
C HIS A 69 -1.64 15.19 -7.48
N GLY A 70 -0.78 16.20 -7.39
CA GLY A 70 -0.60 16.96 -6.16
C GLY A 70 0.61 16.59 -5.33
N ASP A 71 1.51 15.80 -5.90
CA ASP A 71 2.76 15.48 -5.23
C ASP A 71 3.94 15.55 -6.22
N PHE A 72 5.15 15.28 -5.72
CA PHE A 72 6.37 15.46 -6.49
C PHE A 72 6.66 14.31 -7.44
N TYR A 73 5.75 13.34 -7.52
CA TYR A 73 5.97 12.12 -8.30
C TYR A 73 4.78 11.83 -9.23
N PRO A 74 4.67 12.60 -10.34
CA PRO A 74 3.56 12.36 -11.25
C PRO A 74 3.63 10.97 -11.87
N PHE A 75 2.46 10.37 -12.13
CA PHE A 75 2.40 9.08 -12.79
C PHE A 75 2.72 9.22 -14.28
N ASP A 76 2.88 8.09 -14.97
CA ASP A 76 3.57 8.05 -16.26
C ASP A 76 2.78 7.32 -17.36
N GLY A 77 1.46 7.32 -17.25
CA GLY A 77 0.60 6.61 -18.19
C GLY A 77 0.63 5.10 -17.95
N PRO A 78 0.08 4.33 -18.90
CA PRO A 78 0.04 2.87 -18.81
C PRO A 78 1.44 2.25 -18.69
N GLY A 79 1.57 1.23 -17.85
CA GLY A 79 2.85 0.59 -17.60
C GLY A 79 3.77 1.39 -16.71
N ASN A 80 5.02 0.92 -16.60
CA ASN A 80 6.04 1.52 -15.74
C ASN A 80 5.58 1.55 -14.27
N VAL A 81 5.53 2.73 -13.66
CA VAL A 81 5.05 2.86 -12.28
C VAL A 81 3.54 2.59 -12.22
N LEU A 82 3.17 1.53 -11.50
CA LEU A 82 1.77 1.14 -11.33
C LEU A 82 1.16 1.86 -10.12
N ALA A 83 1.97 2.01 -9.07
CA ALA A 83 1.56 2.71 -7.85
C ALA A 83 2.78 3.19 -7.04
N HIS A 84 2.54 4.07 -6.07
CA HIS A 84 3.54 4.40 -5.04
C HIS A 84 2.85 4.81 -3.75
N ALA A 85 3.62 4.78 -2.66
CA ALA A 85 3.12 5.17 -1.34
C ALA A 85 4.24 5.83 -0.55
N TYR A 86 3.87 6.46 0.57
CA TYR A 86 4.81 7.25 1.36
C TYR A 86 5.10 6.62 2.70
N ALA A 87 6.31 6.88 3.20
CA ALA A 87 6.74 6.38 4.50
C ALA A 87 5.85 6.96 5.61
N PRO A 88 5.85 6.32 6.79
CA PRO A 88 5.06 6.80 7.92
C PRO A 88 5.36 8.25 8.29
N GLY A 89 4.31 8.98 8.69
CA GLY A 89 4.44 10.37 9.10
C GLY A 89 3.12 11.10 8.93
N PRO A 90 3.15 12.44 9.09
CA PRO A 90 2.00 13.30 8.89
C PRO A 90 1.80 13.74 7.44
N GLY A 91 0.60 14.20 7.10
CA GLY A 91 0.28 14.69 5.76
C GLY A 91 0.26 13.60 4.70
N ILE A 92 1.01 13.81 3.62
CA ILE A 92 1.11 12.85 2.52
C ILE A 92 1.82 11.57 2.93
N ASN A 93 2.62 11.65 3.99
CA ASN A 93 3.28 10.48 4.54
C ASN A 93 2.26 9.42 4.93
N GLY A 94 2.59 8.16 4.61
CA GLY A 94 1.67 7.04 4.81
C GLY A 94 0.65 6.80 3.71
N ASP A 95 0.45 7.78 2.83
CA ASP A 95 -0.60 7.70 1.78
C ASP A 95 -0.17 6.83 0.61
N ALA A 96 -1.14 6.18 -0.02
CA ALA A 96 -0.89 5.30 -1.16
C ALA A 96 -1.68 5.77 -2.40
N HIS A 97 -0.96 5.95 -3.51
CA HIS A 97 -1.57 6.36 -4.78
C HIS A 97 -1.43 5.25 -5.84
N PHE A 98 -2.48 5.05 -6.62
CA PHE A 98 -2.52 4.02 -7.66
C PHE A 98 -2.75 4.66 -9.03
N ASP A 99 -1.91 4.29 -10.01
CA ASP A 99 -2.00 4.87 -11.35
C ASP A 99 -3.21 4.28 -12.08
N ASP A 100 -4.20 5.12 -12.37
CA ASP A 100 -5.45 4.65 -12.99
C ASP A 100 -5.34 4.53 -14.51
N ASP A 101 -4.14 4.75 -15.05
CA ASP A 101 -3.85 4.40 -16.43
C ASP A 101 -3.50 2.90 -16.55
N GLU A 102 -3.27 2.23 -15.42
CA GLU A 102 -3.20 0.76 -15.39
C GLU A 102 -4.62 0.21 -15.34
N GLN A 103 -4.77 -1.05 -15.76
CA GLN A 103 -6.07 -1.73 -15.73
C GLN A 103 -6.19 -2.57 -14.44
N TRP A 104 -6.81 -2.00 -13.43
CA TRP A 104 -6.92 -2.64 -12.12
C TRP A 104 -7.97 -3.75 -12.16
N THR A 105 -7.54 -4.97 -11.87
CA THR A 105 -8.40 -6.16 -11.95
C THR A 105 -8.46 -6.94 -10.64
N LYS A 106 -9.55 -7.69 -10.48
CA LYS A 106 -9.73 -8.60 -9.34
C LYS A 106 -8.87 -9.85 -9.53
N ASP A 107 -8.63 -10.22 -10.78
CA ASP A 107 -7.81 -11.39 -11.13
C ASP A 107 -6.44 -10.92 -11.69
N THR A 108 -5.84 -11.72 -12.58
CA THR A 108 -4.50 -11.44 -13.11
C THR A 108 -4.48 -11.05 -14.60
N THR A 109 -5.65 -10.82 -15.19
CA THR A 109 -5.74 -10.40 -16.61
C THR A 109 -5.21 -8.97 -16.83
N GLY A 110 -5.40 -8.11 -15.83
CA GLY A 110 -4.83 -6.77 -15.84
C GLY A 110 -3.76 -6.69 -14.76
N THR A 111 -3.75 -5.57 -14.04
CA THR A 111 -2.86 -5.40 -12.89
C THR A 111 -3.66 -5.68 -11.61
N ASN A 112 -3.26 -6.71 -10.88
CA ASN A 112 -3.97 -7.11 -9.65
C ASN A 112 -3.87 -6.03 -8.57
N LEU A 113 -5.02 -5.46 -8.21
CA LEU A 113 -5.08 -4.38 -7.23
C LEU A 113 -4.62 -4.83 -5.85
N PHE A 114 -5.07 -6.01 -5.42
CA PHE A 114 -4.69 -6.55 -4.12
C PHE A 114 -3.16 -6.66 -3.96
N LEU A 115 -2.49 -7.25 -4.95
CA LEU A 115 -1.04 -7.49 -4.89
C LEU A 115 -0.21 -6.22 -4.83
N VAL A 116 -0.60 -5.22 -5.62
CA VAL A 116 0.10 -3.92 -5.61
C VAL A 116 -0.18 -3.19 -4.28
N ALA A 117 -1.46 -3.13 -3.90
CA ALA A 117 -1.88 -2.53 -2.63
C ALA A 117 -1.15 -3.12 -1.40
N ALA A 118 -0.97 -4.44 -1.38
CA ALA A 118 -0.19 -5.10 -0.33
C ALA A 118 1.25 -4.57 -0.28
N HIS A 119 1.89 -4.49 -1.45
CA HIS A 119 3.23 -3.92 -1.61
C HIS A 119 3.25 -2.44 -1.22
N GLU A 120 2.20 -1.72 -1.57
CA GLU A 120 2.07 -0.29 -1.27
C GLU A 120 1.84 0.02 0.19
N ILE A 121 0.99 -0.78 0.85
CA ILE A 121 0.76 -0.63 2.29
C ILE A 121 2.04 -0.97 3.07
N GLY A 122 2.86 -1.86 2.52
CA GLY A 122 4.21 -2.08 3.05
C GLY A 122 4.99 -0.78 3.12
N HIS A 123 4.90 0.04 2.08
CA HIS A 123 5.52 1.37 2.07
C HIS A 123 4.88 2.32 3.06
N SER A 124 3.55 2.25 3.18
CA SER A 124 2.80 3.03 4.17
C SER A 124 3.21 2.71 5.61
N LEU A 125 3.72 1.50 5.83
CA LEU A 125 4.11 1.04 7.17
C LEU A 125 5.62 1.08 7.45
N GLY A 126 6.41 1.55 6.48
CA GLY A 126 7.84 1.82 6.70
C GLY A 126 8.80 0.87 6.02
N LEU A 127 8.28 -0.05 5.20
CA LEU A 127 9.12 -0.95 4.43
C LEU A 127 9.42 -0.40 3.04
N PHE A 128 10.69 -0.44 2.65
CA PHE A 128 11.11 -0.07 1.31
C PHE A 128 11.40 -1.36 0.53
N HIS A 129 12.04 -1.25 -0.62
CA HIS A 129 12.19 -2.38 -1.53
C HIS A 129 13.27 -3.36 -1.10
N SER A 130 12.95 -4.65 -1.21
CA SER A 130 13.83 -5.73 -0.77
C SER A 130 14.96 -6.00 -1.79
N ALA A 131 15.81 -6.98 -1.47
CA ALA A 131 16.88 -7.40 -2.36
C ALA A 131 16.81 -8.90 -2.65
N ASN A 132 15.59 -9.43 -2.79
CA ASN A 132 15.35 -10.85 -3.08
C ASN A 132 14.51 -11.03 -4.34
N ALA A 135 9.79 -12.25 -2.56
CA ALA A 135 9.58 -11.07 -1.74
C ALA A 135 8.48 -10.17 -2.33
N LEU A 136 7.48 -9.84 -1.50
CA LEU A 136 6.42 -8.92 -1.90
C LEU A 136 6.92 -7.48 -2.05
N MET A 137 7.92 -7.10 -1.26
CA MET A 137 8.48 -5.74 -1.34
C MET A 137 9.55 -5.57 -2.44
N TYR A 138 9.79 -6.62 -3.22
CA TYR A 138 10.68 -6.50 -4.38
C TYR A 138 10.00 -5.64 -5.45
N PRO A 139 10.72 -4.65 -6.02
CA PRO A 139 10.09 -3.67 -6.92
C PRO A 139 9.79 -4.21 -8.32
N LEU A 140 8.87 -5.16 -8.40
CA LEU A 140 8.50 -5.81 -9.66
C LEU A 140 7.17 -6.53 -9.51
N TYR A 141 6.22 -6.20 -10.38
CA TYR A 141 4.90 -6.83 -10.37
C TYR A 141 4.93 -8.13 -11.17
N HIS A 142 5.11 -9.24 -10.46
CA HIS A 142 5.10 -10.58 -11.07
C HIS A 142 4.04 -11.46 -10.42
N ARG A 149 -2.22 -19.25 -3.83
CA ARG A 149 -0.93 -19.72 -3.34
C ARG A 149 0.01 -18.58 -2.95
N PHE A 150 -0.52 -17.36 -2.89
CA PHE A 150 0.25 -16.19 -2.48
C PHE A 150 0.53 -16.23 -0.98
N ARG A 151 1.76 -15.93 -0.58
CA ARG A 151 2.15 -15.89 0.82
C ARG A 151 3.18 -14.78 1.07
N LEU A 152 3.06 -14.12 2.22
CA LEU A 152 3.98 -13.07 2.62
C LEU A 152 5.33 -13.69 3.00
N SER A 153 6.38 -13.32 2.27
CA SER A 153 7.69 -13.96 2.40
C SER A 153 8.31 -13.81 3.78
N GLN A 154 9.30 -14.65 4.07
CA GLN A 154 10.07 -14.54 5.32
C GLN A 154 10.85 -13.23 5.35
N ASP A 155 11.37 -12.82 4.19
CA ASP A 155 12.08 -11.56 4.05
C ASP A 155 11.15 -10.36 4.30
N ASP A 156 9.87 -10.50 3.92
CA ASP A 156 8.85 -9.49 4.21
C ASP A 156 8.45 -9.50 5.68
N ILE A 157 8.24 -10.71 6.21
CA ILE A 157 7.91 -10.89 7.63
C ILE A 157 9.02 -10.33 8.52
N ASN A 158 10.27 -10.66 8.19
CA ASN A 158 11.44 -10.12 8.90
C ASN A 158 11.47 -8.59 8.91
N GLY A 159 11.05 -7.98 7.80
CA GLY A 159 11.04 -6.53 7.65
C GLY A 159 10.08 -5.81 8.58
N ILE A 160 8.79 -6.12 8.47
CA ILE A 160 7.77 -5.51 9.32
C ILE A 160 7.92 -5.85 10.81
N GLN A 161 8.47 -7.04 11.09
CA GLN A 161 8.70 -7.46 12.48
C GLN A 161 9.90 -6.74 13.10
N SER A 162 10.93 -6.47 12.30
CA SER A 162 12.06 -5.65 12.76
C SER A 162 11.69 -4.17 12.73
N LEU A 163 10.57 -3.83 13.38
CA LEU A 163 9.96 -2.51 13.31
C LEU A 163 8.80 -2.41 14.31
N TYR A 164 7.84 -3.31 14.17
CA TYR A 164 6.69 -3.41 15.07
C TYR A 164 6.66 -4.70 15.90
N GLY A 165 7.34 -5.74 15.42
CA GLY A 165 7.34 -7.05 16.07
C GLY A 165 6.22 -7.96 15.57
N PRO A 166 6.02 -9.12 16.23
CA PRO A 166 4.89 -10.00 15.95
C PRO A 166 3.64 -9.64 16.77
N PRO A 167 2.50 -10.34 16.52
CA PRO A 167 1.23 -10.04 17.20
C PRO A 167 1.17 -10.45 18.68
CA CA B . -7.54 2.35 -14.71
CA CA C . -1.03 10.44 5.51
CA CA D . 2.09 3.95 -14.93
ZN ZN E . 1.28 10.19 -5.80
ZN ZN F . 7.39 -0.11 -4.19
C OHL G . 6.91 0.76 -6.68
N OHL G . 7.22 -0.04 -9.03
O OHL G . 7.72 -0.02 -6.18
CA OHL G . 7.00 1.15 -8.17
CAA OHL G . 3.09 -5.89 -6.66
OAC OHL G . 4.74 0.42 -9.57
OAD OHL G . 5.91 -1.24 -10.92
OAE OHL G . 5.79 1.02 -4.67
CAF OHL G . 11.59 1.53 -10.77
CAG OHL G . 11.37 1.04 -8.52
CAH OHL G . 10.27 1.15 -11.02
CAI OHL G . 10.04 0.64 -8.70
CAJ OHL G . 5.44 -4.22 -7.70
CAK OHL G . 3.78 -2.75 -6.74
CAL OHL G . 5.86 -3.19 -8.55
CAM OHL G . 4.21 -1.72 -7.58
CAO OHL G . 8.02 0.29 -10.25
NAP OHL G . 12.09 1.47 -9.55
NAQ OHL G . 5.92 1.33 -5.99
OAR OHL G . 3.99 -5.00 -5.98
CAT OHL G . 9.48 0.71 -9.96
CAU OHL G . 4.40 -4.00 -6.80
CAV OHL G . 5.25 -1.94 -8.48
SAX OHL G . 5.78 -0.66 -9.54
S SO4 H . -20.05 0.39 -8.50
O1 SO4 H . -18.57 0.66 -8.64
O2 SO4 H . -20.80 1.70 -8.54
O3 SO4 H . -20.51 -0.49 -9.64
O4 SO4 H . -20.29 -0.30 -7.18
#